data_6V90
#
_entry.id   6V90
#
_cell.length_a   45.360
_cell.length_b   104.639
_cell.length_c   168.863
_cell.angle_alpha   90.000
_cell.angle_beta   90.000
_cell.angle_gamma   90.000
#
_symmetry.space_group_name_H-M   'C 2 2 21'
#
loop_
_entity.id
_entity.type
_entity.pdbx_description
1 polymer 'Histone acetyltransferase p300'
2 non-polymer (2R)-2-{[2-(4-cyanophenyl)ethyl]amino}-N-[5-(1-methyl-1H-pyrazol-4-yl)pyridin-2-yl]-2-phenylacetamide
3 non-polymer 'SULFATE ION'
4 non-polymer 'CHLORIDE ION'
5 water water
#
_entity_poly.entity_id   1
_entity_poly.type   'polypeptide(L)'
_entity_poly.pdbx_seq_one_letter_code
;MKFSAKRLPSTRLGTFLENRVNDFLRRQNHPESGEVTVRVVHASDKTVEVKPGMKARFVDSGEMAESFPYRTKALFAFEE
IDGVDLCFFGMHVQEYGSDCPPPNQRRVYISYLDSVHFFRPKCLRTAVYHEILIGYLEYVKKLGYTTGHIWACPPSEGDD
YIFHCHPPDQKIPKPKRLQEWYKKMLDKAVSERIVHDYKDIFKQATEDRLTSAKELPYFEGDFWPNVLEESIKELEQKTS
KNKSSLSRGNKKKPGMPNVSNDLSQKLYATMEKHKEVFFVIRLIAGPAANSLPPIVDPDPLIPCDLMDGRDAFLTLARDK
HLEFSSLRRAQWSTGCMLVELHTQSQDRF
;
_entity_poly.pdbx_strand_id   A
#
# COMPACT_ATOMS: atom_id res chain seq x y z
N MET A 1 -25.96 7.50 -14.07
CA MET A 1 -25.07 8.48 -14.74
C MET A 1 -24.30 7.83 -15.91
N LYS A 2 -24.01 8.62 -16.95
CA LYS A 2 -23.00 8.27 -17.97
C LYS A 2 -21.62 8.31 -17.30
N PHE A 3 -21.47 9.21 -16.32
CA PHE A 3 -20.31 9.34 -15.45
C PHE A 3 -20.56 8.54 -14.16
N SER A 4 -20.47 7.21 -14.20
CA SER A 4 -20.57 6.36 -12.97
C SER A 4 -19.36 5.43 -12.84
N ALA A 5 -19.24 4.79 -11.66
CA ALA A 5 -18.03 4.00 -11.31
C ALA A 5 -17.82 2.91 -12.31
N LYS A 6 -18.88 2.15 -12.57
CA LYS A 6 -18.89 1.08 -13.54
C LYS A 6 -18.31 1.47 -14.90
N ARG A 7 -18.64 2.67 -15.36
CA ARG A 7 -18.21 3.15 -16.67
C ARG A 7 -16.72 3.51 -16.72
N LEU A 8 -16.01 3.56 -15.59
CA LEU A 8 -14.55 3.71 -15.66
C LEU A 8 -13.90 2.49 -16.34
N PRO A 9 -12.85 2.70 -17.13
CA PRO A 9 -12.22 1.60 -17.85
C PRO A 9 -11.72 0.46 -16.94
N SER A 10 -11.93 -0.76 -17.40
CA SER A 10 -11.61 -1.95 -16.62
C SER A 10 -10.15 -2.27 -16.72
N THR A 11 -9.70 -3.05 -15.75
CA THR A 11 -8.37 -3.61 -15.75
C THR A 11 -8.51 -5.02 -15.24
N ARG A 12 -7.53 -5.86 -15.56
CA ARG A 12 -7.41 -7.20 -14.99
C ARG A 12 -7.38 -7.16 -13.44
N LEU A 13 -6.58 -6.24 -12.89
CA LEU A 13 -6.47 -6.10 -11.45
C LEU A 13 -7.80 -5.73 -10.82
N GLY A 14 -8.46 -4.72 -11.36
CA GLY A 14 -9.70 -4.29 -10.77
C GLY A 14 -10.85 -5.28 -10.91
N THR A 15 -10.92 -5.94 -12.07
CA THR A 15 -11.89 -7.00 -12.28
C THR A 15 -11.67 -8.15 -11.30
N PHE A 16 -10.40 -8.51 -11.09
CA PHE A 16 -10.08 -9.53 -10.09
C PHE A 16 -10.52 -9.18 -8.66
N LEU A 17 -10.27 -7.96 -8.24
CA LEU A 17 -10.69 -7.55 -6.88
C LEU A 17 -12.21 -7.46 -6.67
N GLU A 18 -12.90 -6.92 -7.66
CA GLU A 18 -14.34 -6.75 -7.54
C GLU A 18 -15.05 -8.11 -7.63
N ASN A 19 -14.53 -9.03 -8.45
CA ASN A 19 -15.04 -10.40 -8.46
C ASN A 19 -14.90 -11.08 -7.12
N ARG A 20 -13.72 -11.01 -6.54
CA ARG A 20 -13.53 -11.57 -5.21
C ARG A 20 -14.45 -10.93 -4.14
N VAL A 21 -14.64 -9.60 -4.20
CA VAL A 21 -15.54 -8.93 -3.23
C VAL A 21 -17.03 -9.31 -3.45
N ASN A 22 -17.51 -9.23 -4.67
CA ASN A 22 -18.93 -9.52 -4.92
C ASN A 22 -19.22 -11.02 -4.74
N ASP A 23 -18.27 -11.91 -5.05
CA ASP A 23 -18.43 -13.35 -4.67
C ASP A 23 -18.67 -13.49 -3.17
N PHE A 24 -17.84 -12.78 -2.39
CA PHE A 24 -17.90 -12.82 -0.95
C PHE A 24 -19.25 -12.31 -0.45
N LEU A 25 -19.68 -11.15 -0.95
CA LEU A 25 -20.99 -10.55 -0.54
C LEU A 25 -22.21 -11.40 -0.93
N ARG A 26 -22.23 -11.91 -2.17
CA ARG A 26 -23.32 -12.85 -2.59
C ARG A 26 -23.44 -14.05 -1.66
N ARG A 27 -22.30 -14.59 -1.26
CA ARG A 27 -22.30 -15.69 -0.30
C ARG A 27 -22.87 -15.28 1.07
N GLN A 28 -22.56 -14.08 1.52
CA GLN A 28 -23.14 -13.58 2.79
C GLN A 28 -24.64 -13.36 2.68
N ASN A 29 -25.14 -13.06 1.47
CA ASN A 29 -26.59 -12.84 1.20
C ASN A 29 -27.22 -11.90 2.23
N HIS A 30 -26.54 -10.80 2.56
CA HIS A 30 -27.11 -9.81 3.47
C HIS A 30 -28.00 -8.88 2.61
N PRO A 31 -29.24 -8.64 3.06
CA PRO A 31 -30.15 -7.85 2.22
C PRO A 31 -29.84 -6.33 2.08
N GLU A 32 -28.95 -5.79 2.90
CA GLU A 32 -28.58 -4.36 2.80
C GLU A 32 -27.39 -4.06 1.87
N SER A 33 -26.60 -5.07 1.48
CA SER A 33 -25.39 -4.78 0.66
C SER A 33 -25.75 -4.40 -0.75
N GLY A 34 -24.85 -3.68 -1.41
CA GLY A 34 -24.97 -3.32 -2.82
C GLY A 34 -23.78 -3.88 -3.58
N GLU A 35 -23.87 -3.84 -4.90
CA GLU A 35 -22.78 -4.25 -5.78
C GLU A 35 -21.60 -3.34 -5.52
N VAL A 36 -20.40 -3.91 -5.63
CA VAL A 36 -19.16 -3.24 -5.44
C VAL A 36 -18.44 -3.18 -6.78
N THR A 37 -17.94 -2.00 -7.13
CA THR A 37 -17.08 -1.81 -8.30
C THR A 37 -15.70 -1.45 -7.79
N VAL A 38 -14.67 -1.92 -8.45
CA VAL A 38 -13.30 -1.62 -8.10
C VAL A 38 -12.66 -1.19 -9.39
N ARG A 39 -11.99 -0.04 -9.38
CA ARG A 39 -11.30 0.45 -10.55
C ARG A 39 -9.89 0.90 -10.24
N VAL A 40 -8.94 0.61 -11.12
CA VAL A 40 -7.60 1.20 -11.06
C VAL A 40 -7.74 2.50 -11.84
N VAL A 41 -7.37 3.64 -11.24
CA VAL A 41 -7.58 4.97 -11.85
C VAL A 41 -6.29 5.69 -12.17
N HIS A 42 -5.15 5.05 -11.89
CA HIS A 42 -3.82 5.57 -12.19
C HIS A 42 -2.79 4.47 -12.16
N ALA A 43 -1.92 4.43 -13.16
CA ALA A 43 -0.76 3.55 -13.21
C ALA A 43 0.38 4.26 -13.94
N SER A 44 1.56 4.44 -13.33
CA SER A 44 2.68 5.04 -14.03
C SER A 44 3.97 4.55 -13.43
N ASP A 45 5.06 4.77 -14.15
CA ASP A 45 6.38 4.37 -13.79
C ASP A 45 7.15 5.52 -13.16
N LYS A 46 7.98 5.15 -12.20
CA LYS A 46 8.55 6.08 -11.25
C LYS A 46 9.85 5.45 -10.83
N THR A 47 10.69 6.24 -10.19
CA THR A 47 11.88 5.70 -9.55
C THR A 47 12.01 6.29 -8.17
N VAL A 48 12.67 5.55 -7.30
CA VAL A 48 13.00 6.03 -5.99
C VAL A 48 14.50 6.15 -5.92
N GLU A 49 14.99 7.34 -5.61
CA GLU A 49 16.44 7.59 -5.56
C GLU A 49 17.01 7.35 -4.19
N VAL A 50 18.18 6.74 -4.14
CA VAL A 50 18.85 6.57 -2.88
C VAL A 50 19.30 7.95 -2.44
N LYS A 51 18.95 8.31 -1.21
CA LYS A 51 19.25 9.63 -0.62
C LYS A 51 20.74 9.81 -0.29
N PRO A 52 21.19 11.06 -0.07
CA PRO A 52 22.67 11.35 -0.14
C PRO A 52 23.57 10.54 0.75
N GLY A 53 23.13 10.27 1.99
CA GLY A 53 23.97 9.52 2.92
C GLY A 53 24.20 8.07 2.47
N MET A 54 23.12 7.36 2.11
CA MET A 54 23.25 6.01 1.58
C MET A 54 23.97 6.00 0.22
N LYS A 55 23.74 7.01 -0.59
CA LYS A 55 24.42 7.10 -1.86
C LYS A 55 25.93 7.23 -1.69
N ALA A 56 26.40 8.21 -0.92
CA ALA A 56 27.82 8.28 -0.57
C ALA A 56 28.37 6.97 -0.03
N ARG A 57 27.63 6.25 0.78
CA ARG A 57 28.19 5.06 1.41
C ARG A 57 28.13 3.83 0.50
N PHE A 58 27.10 3.67 -0.31
CA PHE A 58 26.88 2.40 -1.04
C PHE A 58 26.78 2.55 -2.54
N VAL A 59 26.21 3.65 -3.01
CA VAL A 59 26.00 3.84 -4.42
C VAL A 59 27.38 4.23 -5.09
N ASP A 60 28.11 5.11 -4.42
CA ASP A 60 29.32 5.72 -4.97
C ASP A 60 30.43 4.68 -5.02
N SER A 61 30.38 3.68 -4.13
CA SER A 61 31.31 2.54 -4.14
C SER A 61 30.92 1.35 -5.05
N GLY A 62 29.88 1.49 -5.87
CA GLY A 62 29.37 0.43 -6.75
C GLY A 62 28.57 -0.70 -6.11
N GLU A 63 28.18 -0.55 -4.85
CA GLU A 63 27.57 -1.69 -4.10
C GLU A 63 26.04 -1.72 -4.13
N MET A 64 25.42 -0.62 -4.52
CA MET A 64 23.98 -0.55 -4.49
C MET A 64 23.54 0.29 -5.68
N ALA A 65 22.40 -0.04 -6.28
CA ALA A 65 21.88 0.78 -7.37
C ALA A 65 21.57 2.21 -6.88
N GLU A 66 21.57 3.13 -7.84
CA GLU A 66 21.43 4.54 -7.57
C GLU A 66 19.95 4.90 -7.38
N SER A 67 19.10 4.11 -8.02
CA SER A 67 17.68 4.28 -7.92
C SER A 67 16.98 3.00 -8.35
N PHE A 68 15.70 2.92 -7.99
CA PHE A 68 14.89 1.70 -8.14
C PHE A 68 13.61 2.03 -8.83
N PRO A 69 13.37 1.41 -10.00
CA PRO A 69 12.14 1.69 -10.73
C PRO A 69 10.97 0.93 -10.15
N TYR A 70 9.80 1.53 -10.21
CA TYR A 70 8.61 0.85 -9.80
C TYR A 70 7.46 1.38 -10.56
N ARG A 71 6.36 0.67 -10.45
CA ARG A 71 5.13 1.20 -10.91
C ARG A 71 4.25 1.51 -9.75
N THR A 72 3.61 2.67 -9.79
CA THR A 72 2.60 3.09 -8.84
C THR A 72 1.19 2.89 -9.40
N LYS A 73 0.26 2.48 -8.53
CA LYS A 73 -1.12 2.38 -8.89
C LYS A 73 -1.98 2.90 -7.80
N ALA A 74 -3.10 3.52 -8.21
CA ALA A 74 -4.14 4.00 -7.35
C ALA A 74 -5.39 3.23 -7.70
N LEU A 75 -6.11 2.80 -6.68
CA LEU A 75 -7.38 2.11 -6.93
C LEU A 75 -8.36 2.41 -5.87
N PHE A 76 -9.62 2.32 -6.25
CA PHE A 76 -10.74 2.72 -5.46
C PHE A 76 -11.88 1.70 -5.59
N ALA A 77 -12.60 1.57 -4.50
CA ALA A 77 -13.77 0.73 -4.41
C ALA A 77 -15.01 1.56 -4.08
N PHE A 78 -16.15 1.14 -4.66
CA PHE A 78 -17.41 1.85 -4.69
C PHE A 78 -18.53 0.89 -4.39
N GLU A 79 -19.49 1.28 -3.54
CA GLU A 79 -20.70 0.48 -3.26
C GLU A 79 -21.94 1.26 -3.71
N GLU A 80 -22.93 0.55 -4.28
CA GLU A 80 -24.27 1.11 -4.57
C GLU A 80 -25.06 1.16 -3.28
N ILE A 81 -25.43 2.36 -2.85
CA ILE A 81 -26.28 2.59 -1.68
C ILE A 81 -27.40 3.52 -2.16
N ASP A 82 -28.66 3.11 -2.01
CA ASP A 82 -29.85 3.86 -2.52
C ASP A 82 -29.72 4.15 -4.02
N GLY A 83 -29.15 3.20 -4.77
CA GLY A 83 -28.92 3.37 -6.21
C GLY A 83 -27.78 4.29 -6.63
N VAL A 84 -27.06 4.86 -5.66
CA VAL A 84 -25.97 5.82 -5.95
C VAL A 84 -24.63 5.27 -5.45
N ASP A 85 -23.57 5.60 -6.19
CA ASP A 85 -22.19 5.16 -5.91
C ASP A 85 -21.68 5.88 -4.69
N LEU A 86 -21.04 5.15 -3.76
CA LEU A 86 -20.24 5.76 -2.67
C LEU A 86 -18.85 5.18 -2.74
N CYS A 87 -17.82 6.01 -2.92
CA CYS A 87 -16.42 5.58 -2.81
C CYS A 87 -16.04 5.43 -1.33
N PHE A 88 -15.68 4.20 -0.93
CA PHE A 88 -15.54 3.88 0.48
C PHE A 88 -14.13 3.38 0.86
N PHE A 89 -13.25 3.24 -0.11
CA PHE A 89 -11.93 2.65 0.10
C PHE A 89 -10.99 3.05 -1.03
N GLY A 90 -9.73 3.31 -0.69
CA GLY A 90 -8.74 3.73 -1.69
C GLY A 90 -7.40 3.27 -1.21
N MET A 91 -6.49 3.08 -2.18
CA MET A 91 -5.20 2.56 -1.91
C MET A 91 -4.22 3.00 -2.99
N HIS A 92 -2.98 3.31 -2.57
CA HIS A 92 -1.84 3.59 -3.48
C HIS A 92 -0.79 2.59 -3.15
N VAL A 93 -0.22 1.97 -4.19
CA VAL A 93 0.78 0.93 -4.07
C VAL A 93 1.98 1.18 -5.00
N GLN A 94 3.12 0.66 -4.59
CA GLN A 94 4.34 0.62 -5.36
C GLN A 94 4.71 -0.84 -5.67
N GLU A 95 4.97 -1.13 -6.94
CA GLU A 95 5.31 -2.46 -7.40
C GLU A 95 6.65 -2.47 -8.10
N TYR A 96 7.56 -3.25 -7.56
CA TYR A 96 8.94 -3.33 -7.97
C TYR A 96 9.07 -4.71 -8.61
N GLY A 97 9.14 -4.69 -9.93
CA GLY A 97 9.19 -5.90 -10.77
C GLY A 97 10.46 -6.69 -10.74
N SER A 98 10.52 -7.68 -11.64
CA SER A 98 11.64 -8.63 -11.71
C SER A 98 12.86 -8.03 -12.34
N ASP A 99 12.70 -6.94 -13.10
CA ASP A 99 13.85 -6.15 -13.65
C ASP A 99 14.51 -5.22 -12.59
N CYS A 100 13.87 -5.03 -11.44
CA CYS A 100 14.39 -4.09 -10.47
C CYS A 100 15.62 -4.68 -9.76
N PRO A 101 16.68 -3.90 -9.56
CA PRO A 101 17.81 -4.46 -8.83
C PRO A 101 17.48 -4.84 -7.40
N PRO A 102 18.22 -5.80 -6.82
CA PRO A 102 18.07 -5.99 -5.38
C PRO A 102 18.50 -4.71 -4.62
N PRO A 103 17.98 -4.51 -3.42
CA PRO A 103 17.15 -5.47 -2.68
C PRO A 103 15.65 -5.35 -2.98
N ASN A 104 15.24 -4.62 -4.01
CA ASN A 104 13.80 -4.32 -4.24
C ASN A 104 13.01 -5.30 -5.15
N GLN A 105 13.73 -6.23 -5.76
CA GLN A 105 13.17 -7.17 -6.74
C GLN A 105 11.92 -7.95 -6.28
N ARG A 106 10.84 -7.84 -7.04
CA ARG A 106 9.62 -8.62 -6.84
C ARG A 106 8.90 -8.27 -5.52
N ARG A 107 8.85 -6.99 -5.18
CA ARG A 107 8.25 -6.54 -3.93
C ARG A 107 7.15 -5.59 -4.24
N VAL A 108 6.09 -5.66 -3.43
CA VAL A 108 5.07 -4.65 -3.39
C VAL A 108 5.00 -3.98 -2.03
N TYR A 109 4.66 -2.70 -2.03
CA TYR A 109 4.63 -1.87 -0.83
C TYR A 109 3.40 -1.07 -0.94
N ILE A 110 2.60 -1.07 0.11
CA ILE A 110 1.42 -0.25 0.16
C ILE A 110 1.81 1.15 0.61
N SER A 111 1.60 2.15 -0.24
CA SER A 111 1.98 3.52 0.16
C SER A 111 1.02 4.08 1.22
N TYR A 112 -0.27 4.10 0.89
CA TYR A 112 -1.33 4.69 1.67
C TYR A 112 -2.59 3.91 1.40
N LEU A 113 -3.39 3.65 2.42
CA LEU A 113 -4.76 3.26 2.20
C LEU A 113 -5.66 4.13 3.04
N ASP A 114 -6.93 4.13 2.69
CA ASP A 114 -7.90 4.99 3.36
C ASP A 114 -9.31 4.50 3.14
N SER A 115 -10.20 4.96 3.98
CA SER A 115 -11.60 4.58 3.90
C SER A 115 -12.50 5.69 4.41
N VAL A 116 -13.76 5.57 4.04
CA VAL A 116 -14.86 6.42 4.49
C VAL A 116 -15.94 5.46 4.99
N HIS A 117 -16.28 5.53 6.27
CA HIS A 117 -16.96 4.39 6.94
C HIS A 117 -18.47 4.14 6.67
N PHE A 118 -18.96 4.37 5.46
CA PHE A 118 -20.41 4.22 5.18
C PHE A 118 -20.82 2.94 4.45
N PHE A 119 -19.86 2.04 4.21
CA PHE A 119 -20.19 0.75 3.61
C PHE A 119 -21.35 0.05 4.35
N ARG A 120 -22.35 -0.41 3.59
CA ARG A 120 -23.50 -1.02 4.22
C ARG A 120 -23.58 -2.51 3.82
N PRO A 121 -23.75 -3.41 4.77
CA PRO A 121 -23.95 -3.14 6.22
C PRO A 121 -22.64 -3.02 7.06
N LYS A 122 -22.69 -2.25 8.15
CA LYS A 122 -21.56 -2.07 9.09
C LYS A 122 -20.89 -3.39 9.42
N CYS A 123 -21.66 -4.43 9.74
CA CYS A 123 -21.09 -5.69 10.19
C CYS A 123 -20.19 -6.41 9.15
N LEU A 124 -20.19 -5.98 7.88
CA LEU A 124 -19.35 -6.60 6.82
C LEU A 124 -18.24 -5.69 6.29
N ARG A 125 -18.19 -4.48 6.82
CA ARG A 125 -17.24 -3.47 6.42
C ARG A 125 -15.78 -3.94 6.47
N THR A 126 -15.35 -4.44 7.64
CA THR A 126 -13.98 -4.90 7.90
C THR A 126 -13.66 -6.06 7.00
N ALA A 127 -14.61 -6.99 6.88
CA ALA A 127 -14.45 -8.15 5.98
C ALA A 127 -14.18 -7.74 4.54
N VAL A 128 -14.88 -6.70 4.09
CA VAL A 128 -14.75 -6.23 2.72
C VAL A 128 -13.42 -5.55 2.53
N TYR A 129 -12.98 -4.73 3.50
CA TYR A 129 -11.61 -4.16 3.47
C TYR A 129 -10.61 -5.29 3.34
N HIS A 130 -10.80 -6.32 4.16
CA HIS A 130 -9.91 -7.47 4.15
C HIS A 130 -9.89 -8.23 2.83
N GLU A 131 -11.05 -8.41 2.23
CA GLU A 131 -11.14 -9.05 0.92
C GLU A 131 -10.38 -8.28 -0.13
N ILE A 132 -10.46 -6.95 -0.11
CA ILE A 132 -9.71 -6.14 -1.08
C ILE A 132 -8.20 -6.36 -0.91
N LEU A 133 -7.71 -6.27 0.33
CA LEU A 133 -6.26 -6.41 0.58
C LEU A 133 -5.77 -7.83 0.30
N ILE A 134 -6.54 -8.83 0.72
CA ILE A 134 -6.21 -10.22 0.42
C ILE A 134 -6.18 -10.47 -1.11
N GLY A 135 -7.21 -9.98 -1.81
CA GLY A 135 -7.28 -10.00 -3.22
C GLY A 135 -6.10 -9.35 -3.95
N TYR A 136 -5.61 -8.24 -3.42
CA TYR A 136 -4.45 -7.59 -4.03
C TYR A 136 -3.19 -8.51 -3.87
N LEU A 137 -2.96 -9.00 -2.65
CA LEU A 137 -1.92 -9.96 -2.38
C LEU A 137 -2.00 -11.25 -3.26
N GLU A 138 -3.19 -11.80 -3.40
CA GLU A 138 -3.36 -12.96 -4.25
C GLU A 138 -2.96 -12.64 -5.70
N TYR A 139 -3.38 -11.49 -6.17
CA TYR A 139 -3.21 -11.05 -7.53
C TYR A 139 -1.75 -10.84 -7.86
N VAL A 140 -0.99 -10.19 -6.97
CA VAL A 140 0.41 -9.94 -7.26
C VAL A 140 1.23 -11.19 -7.06
N LYS A 141 0.77 -12.06 -6.17
CA LYS A 141 1.46 -13.33 -6.01
C LYS A 141 1.42 -14.12 -7.32
N LYS A 142 0.27 -14.15 -7.97
CA LYS A 142 0.10 -14.84 -9.24
C LYS A 142 0.98 -14.27 -10.35
N LEU A 143 1.21 -12.96 -10.37
CA LEU A 143 2.19 -12.37 -11.33
C LEU A 143 3.64 -12.72 -11.08
N GLY A 144 3.92 -13.27 -9.90
CA GLY A 144 5.26 -13.55 -9.44
C GLY A 144 5.96 -12.54 -8.54
N TYR A 145 5.19 -11.67 -7.86
CA TYR A 145 5.78 -10.85 -6.76
C TYR A 145 5.91 -11.78 -5.55
N THR A 146 7.04 -11.74 -4.87
CA THR A 146 7.29 -12.72 -3.80
C THR A 146 7.05 -12.18 -2.35
N THR A 147 7.05 -10.85 -2.18
CA THR A 147 6.97 -10.23 -0.87
C THR A 147 6.14 -8.96 -0.86
N GLY A 148 5.29 -8.81 0.16
CA GLY A 148 4.50 -7.62 0.41
C GLY A 148 5.02 -6.91 1.66
N HIS A 149 4.87 -5.59 1.68
CA HIS A 149 5.36 -4.73 2.76
C HIS A 149 4.29 -3.71 3.19
N ILE A 150 4.05 -3.67 4.49
CA ILE A 150 3.09 -2.80 5.10
C ILE A 150 3.72 -2.05 6.26
N TRP A 151 3.55 -0.75 6.21
CA TRP A 151 3.87 0.07 7.33
C TRP A 151 2.53 0.42 8.01
N ALA A 152 2.32 -0.14 9.20
CA ALA A 152 1.05 0.13 9.99
C ALA A 152 1.17 1.45 10.68
N CYS A 153 0.48 2.46 10.17
CA CYS A 153 0.66 3.79 10.63
C CYS A 153 -0.62 4.57 10.45
N PRO A 154 -1.31 4.87 11.56
CA PRO A 154 -2.52 5.61 11.39
C PRO A 154 -2.22 7.05 11.04
N PRO A 155 -3.16 7.68 10.34
CA PRO A 155 -3.06 9.14 10.16
C PRO A 155 -3.09 9.86 11.53
N SER A 156 -2.49 11.05 11.60
CA SER A 156 -2.60 11.91 12.79
C SER A 156 -4.00 12.46 12.92
N GLU A 157 -4.34 12.90 14.15
CA GLU A 157 -5.66 13.49 14.45
C GLU A 157 -5.90 14.62 13.46
N GLY A 158 -7.08 14.65 12.88
CA GLY A 158 -7.44 15.64 11.88
C GLY A 158 -6.80 15.59 10.50
N ASP A 159 -5.96 14.60 10.19
CA ASP A 159 -5.32 14.52 8.86
C ASP A 159 -5.94 13.41 7.98
N ASP A 160 -5.73 13.50 6.69
CA ASP A 160 -6.41 12.68 5.71
C ASP A 160 -5.34 12.15 4.80
N TYR A 161 -5.31 10.84 4.67
CA TYR A 161 -4.40 10.21 3.73
C TYR A 161 -4.91 10.40 2.30
N ILE A 162 -6.16 10.02 2.03
CA ILE A 162 -6.68 10.02 0.66
C ILE A 162 -7.93 10.86 0.54
N PHE A 163 -8.90 10.69 1.44
CA PHE A 163 -10.21 11.32 1.30
C PHE A 163 -10.31 12.55 2.21
N HIS A 164 -10.61 13.70 1.63
CA HIS A 164 -10.71 14.98 2.36
C HIS A 164 -11.92 15.09 3.27
N CYS A 165 -11.66 15.40 4.55
CA CYS A 165 -12.70 15.58 5.59
C CYS A 165 -13.54 14.35 5.86
N HIS A 166 -13.03 13.52 6.76
CA HIS A 166 -13.70 12.30 7.15
C HIS A 166 -14.89 12.60 8.08
N PRO A 167 -15.78 11.63 8.29
CA PRO A 167 -16.86 11.91 9.24
C PRO A 167 -16.34 12.16 10.68
N PRO A 168 -16.94 13.12 11.37
CA PRO A 168 -16.42 13.43 12.70
C PRO A 168 -16.47 12.24 13.68
N ASP A 169 -17.37 11.30 13.46
CA ASP A 169 -17.42 10.07 14.29
C ASP A 169 -16.69 8.84 13.71
N GLN A 170 -15.99 8.98 12.59
CA GLN A 170 -15.10 7.91 12.10
C GLN A 170 -13.79 8.05 12.87
N LYS A 171 -13.53 7.11 13.77
CA LYS A 171 -12.36 7.22 14.63
C LYS A 171 -11.10 6.63 13.99
N ILE A 172 -9.99 7.28 14.23
CA ILE A 172 -8.71 6.81 13.78
C ILE A 172 -8.31 5.70 14.73
N PRO A 173 -7.99 4.51 14.23
CA PRO A 173 -7.52 3.49 15.18
C PRO A 173 -6.14 3.79 15.81
N LYS A 174 -6.01 3.41 17.07
CA LYS A 174 -4.71 3.42 17.75
C LYS A 174 -3.77 2.33 17.20
N PRO A 175 -2.45 2.54 17.35
CA PRO A 175 -1.49 1.61 16.71
C PRO A 175 -1.77 0.13 16.99
N LYS A 176 -2.04 -0.24 18.23
CA LYS A 176 -2.22 -1.66 18.52
C LYS A 176 -3.46 -2.27 17.86
N ARG A 177 -4.53 -1.52 17.87
CA ARG A 177 -5.74 -1.91 17.17
C ARG A 177 -5.48 -2.11 15.67
N LEU A 178 -4.77 -1.16 15.07
CA LEU A 178 -4.39 -1.25 13.64
C LEU A 178 -3.51 -2.46 13.36
N GLN A 179 -2.53 -2.69 14.21
CA GLN A 179 -1.65 -3.83 14.08
C GLN A 179 -2.45 -5.11 14.16
N GLU A 180 -3.43 -5.16 15.06
CA GLU A 180 -4.27 -6.33 15.14
C GLU A 180 -5.17 -6.47 13.94
N TRP A 181 -5.62 -5.37 13.36
CA TRP A 181 -6.41 -5.46 12.15
C TRP A 181 -5.61 -6.06 10.97
N TYR A 182 -4.37 -5.64 10.83
CA TYR A 182 -3.53 -6.21 9.77
C TYR A 182 -3.25 -7.73 10.04
N LYS A 183 -3.00 -8.11 11.31
CA LYS A 183 -2.75 -9.52 11.64
C LYS A 183 -3.97 -10.36 11.33
N LYS A 184 -5.13 -9.85 11.70
CA LYS A 184 -6.37 -10.54 11.36
C LYS A 184 -6.51 -10.77 9.81
N MET A 185 -6.30 -9.72 9.00
CA MET A 185 -6.28 -9.84 7.54
C MET A 185 -5.24 -10.90 7.13
N LEU A 186 -4.05 -10.84 7.71
CA LEU A 186 -2.98 -11.69 7.21
C LEU A 186 -3.17 -13.16 7.66
N ASP A 187 -3.77 -13.38 8.84
CA ASP A 187 -4.13 -14.76 9.26
C ASP A 187 -5.15 -15.37 8.33
N LYS A 188 -6.10 -14.57 7.82
CA LYS A 188 -7.06 -15.07 6.83
CA LYS A 188 -7.05 -15.07 6.83
C LYS A 188 -6.36 -15.39 5.52
N ALA A 189 -5.49 -14.52 5.05
CA ALA A 189 -4.71 -14.84 3.85
C ALA A 189 -3.84 -16.13 3.99
N VAL A 190 -3.32 -16.37 5.19
CA VAL A 190 -2.48 -17.57 5.48
C VAL A 190 -3.36 -18.85 5.42
N SER A 191 -4.53 -18.78 6.05
CA SER A 191 -5.47 -19.90 6.01
C SER A 191 -6.03 -20.17 4.60
N GLU A 192 -6.11 -19.19 3.71
CA GLU A 192 -6.42 -19.49 2.30
C GLU A 192 -5.21 -19.83 1.46
N ARG A 193 -4.05 -19.92 2.07
CA ARG A 193 -2.78 -20.29 1.38
C ARG A 193 -2.35 -19.34 0.27
N ILE A 194 -2.73 -18.09 0.44
CA ILE A 194 -2.25 -17.00 -0.35
C ILE A 194 -0.90 -16.57 0.23
N VAL A 195 -0.91 -16.20 1.50
CA VAL A 195 0.30 -15.83 2.20
C VAL A 195 0.88 -17.08 2.79
N HIS A 196 2.17 -17.24 2.66
CA HIS A 196 2.85 -18.39 3.23
C HIS A 196 3.08 -18.12 4.71
N ASP A 197 3.67 -16.97 5.00
CA ASP A 197 3.79 -16.48 6.35
C ASP A 197 4.13 -14.99 6.31
N TYR A 198 4.16 -14.40 7.49
CA TYR A 198 4.55 -13.01 7.61
C TYR A 198 5.38 -12.83 8.88
N LYS A 199 6.19 -11.78 8.91
CA LYS A 199 7.08 -11.53 10.03
C LYS A 199 7.21 -10.04 10.22
N ASP A 200 7.47 -9.64 11.46
CA ASP A 200 7.90 -8.30 11.71
C ASP A 200 9.28 -8.06 11.04
N ILE A 201 9.57 -6.80 10.73
CA ILE A 201 10.79 -6.46 10.02
C ILE A 201 12.07 -6.92 10.72
N PHE A 202 12.09 -6.87 12.06
CA PHE A 202 13.24 -7.25 12.88
C PHE A 202 13.51 -8.72 12.80
N LYS A 203 12.47 -9.50 12.99
CA LYS A 203 12.58 -10.94 12.92
C LYS A 203 13.04 -11.36 11.52
N GLN A 204 12.43 -10.76 10.51
CA GLN A 204 12.74 -11.02 9.12
C GLN A 204 14.20 -10.74 8.80
N ALA A 205 14.70 -9.59 9.26
CA ALA A 205 16.10 -9.23 9.09
C ALA A 205 17.05 -10.29 9.70
N THR A 206 16.82 -10.60 10.96
CA THR A 206 17.50 -11.68 11.65
C THR A 206 17.45 -13.01 10.88
N GLU A 207 16.29 -13.44 10.42
CA GLU A 207 16.20 -14.68 9.67
C GLU A 207 16.86 -14.68 8.28
N ASP A 208 16.84 -13.53 7.60
CA ASP A 208 17.59 -13.32 6.36
C ASP A 208 19.08 -13.07 6.58
N ARG A 209 19.54 -12.98 7.82
CA ARG A 209 20.92 -12.71 8.12
C ARG A 209 21.37 -11.39 7.45
N LEU A 210 20.56 -10.33 7.63
CA LEU A 210 20.89 -8.99 7.11
C LEU A 210 22.09 -8.41 7.85
N THR A 211 23.19 -8.21 7.12
CA THR A 211 24.45 -7.72 7.70
C THR A 211 24.81 -6.32 7.24
N SER A 212 24.06 -5.75 6.29
CA SER A 212 24.33 -4.40 5.78
C SER A 212 23.04 -3.71 5.39
N ALA A 213 22.96 -2.40 5.60
CA ALA A 213 21.77 -1.56 5.24
C ALA A 213 21.42 -1.59 3.79
N LYS A 214 22.41 -1.84 2.94
CA LYS A 214 22.17 -1.99 1.52
C LYS A 214 21.23 -3.17 1.19
N GLU A 215 21.11 -4.15 2.08
CA GLU A 215 20.23 -5.32 1.84
C GLU A 215 18.79 -5.05 2.21
N LEU A 216 18.52 -3.89 2.80
CA LEU A 216 17.17 -3.56 3.24
C LEU A 216 16.36 -2.95 2.13
N PRO A 217 15.13 -3.45 1.90
CA PRO A 217 14.34 -2.81 0.84
C PRO A 217 14.10 -1.33 1.07
N TYR A 218 14.14 -0.57 -0.05
CA TYR A 218 14.25 0.87 -0.10
C TYR A 218 13.10 1.44 -0.90
N PHE A 219 12.05 1.87 -0.23
CA PHE A 219 10.85 2.32 -0.87
C PHE A 219 10.63 3.83 -0.76
N GLU A 220 9.91 4.36 -1.75
CA GLU A 220 9.52 5.76 -1.77
C GLU A 220 8.65 6.13 -0.57
N GLY A 221 9.11 7.13 0.19
CA GLY A 221 8.36 7.73 1.27
C GLY A 221 8.25 6.83 2.51
N ASP A 222 9.04 5.78 2.58
CA ASP A 222 9.00 4.85 3.70
C ASP A 222 9.91 5.35 4.81
N PHE A 223 9.68 4.83 5.98
CA PHE A 223 10.44 5.14 7.20
C PHE A 223 11.95 4.82 7.11
N TRP A 224 12.29 3.65 6.59
CA TRP A 224 13.65 3.14 6.64
C TRP A 224 14.69 4.00 5.92
N PRO A 225 14.37 4.51 4.74
CA PRO A 225 15.36 5.42 4.12
C PRO A 225 15.62 6.70 4.96
N ASN A 226 14.62 7.24 5.65
CA ASN A 226 14.88 8.41 6.52
C ASN A 226 15.68 8.01 7.72
N VAL A 227 15.32 6.88 8.31
CA VAL A 227 16.06 6.40 9.44
C VAL A 227 17.56 6.33 9.08
N LEU A 228 17.85 5.74 7.91
CA LEU A 228 19.21 5.48 7.47
C LEU A 228 19.99 6.79 7.27
N GLU A 229 19.36 7.83 6.73
CA GLU A 229 20.00 9.14 6.61
C GLU A 229 20.37 9.78 7.98
N GLU A 230 19.39 9.81 8.92
CA GLU A 230 19.65 10.31 10.29
C GLU A 230 20.75 9.49 10.98
N SER A 231 20.76 8.16 10.81
CA SER A 231 21.78 7.32 11.42
C SER A 231 23.17 7.58 10.80
N ILE A 232 23.25 7.77 9.48
CA ILE A 232 24.55 8.07 8.86
C ILE A 232 25.08 9.43 9.36
N LYS A 233 24.21 10.44 9.44
CA LYS A 233 24.58 11.74 9.97
C LYS A 233 25.07 11.68 11.41
N GLU A 234 24.32 11.02 12.30
CA GLU A 234 24.82 10.73 13.68
C GLU A 234 26.20 10.14 13.69
N LEU A 235 26.39 9.01 12.99
CA LEU A 235 27.71 8.34 12.94
C LEU A 235 28.89 9.22 12.46
N GLU A 236 28.62 10.12 11.52
CA GLU A 236 29.67 10.94 10.92
C GLU A 236 30.18 12.03 11.87
N GLN A 237 29.35 12.41 12.83
CA GLN A 237 29.74 13.35 13.90
C GLN A 237 30.76 12.79 14.90
N LYS A 238 30.86 11.47 15.04
CA LYS A 238 31.77 10.85 16.00
C LYS A 238 33.28 11.13 15.69
N THR A 239 34.07 11.40 16.74
CA THR A 239 35.54 11.42 16.66
C THR A 239 36.07 10.51 17.80
N SER A 240 37.33 10.09 17.67
CA SER A 240 37.99 9.28 18.67
C SER A 240 39.49 9.63 18.70
N LYS A 241 39.98 10.03 19.87
CA LYS A 241 41.44 10.14 20.08
C LYS A 241 42.10 8.77 19.99
N ASN A 242 43.43 8.77 20.02
CA ASN A 242 44.20 7.54 19.72
C ASN A 242 44.00 6.41 20.72
N LYS A 243 44.47 5.21 20.32
CA LYS A 243 44.60 3.98 21.16
C LYS A 243 43.22 3.49 21.66
N SER A 260 32.54 1.29 10.69
CA SER A 260 32.70 -0.16 10.56
C SER A 260 31.32 -0.74 10.12
N ASN A 261 30.82 -1.81 10.77
CA ASN A 261 29.41 -2.22 10.70
C ASN A 261 28.52 -1.50 11.78
N ASP A 262 28.85 -0.24 12.13
CA ASP A 262 28.16 0.53 13.19
C ASP A 262 26.77 1.04 12.73
N LEU A 263 26.61 1.20 11.42
CA LEU A 263 25.35 1.50 10.81
C LEU A 263 24.38 0.31 11.01
N SER A 264 24.87 -0.88 10.68
CA SER A 264 24.10 -2.09 10.82
C SER A 264 23.57 -2.23 12.24
N GLN A 265 24.43 -1.98 13.22
CA GLN A 265 24.10 -1.99 14.63
C GLN A 265 22.93 -1.10 15.01
N LYS A 266 22.97 0.14 14.56
CA LYS A 266 21.88 1.11 14.79
C LYS A 266 20.58 0.73 14.05
N LEU A 267 20.69 0.26 12.79
CA LEU A 267 19.54 -0.20 12.07
C LEU A 267 18.80 -1.30 12.84
N TYR A 268 19.53 -2.28 13.31
CA TYR A 268 18.98 -3.36 14.09
C TYR A 268 18.25 -2.88 15.36
N ALA A 269 18.87 -1.96 16.10
CA ALA A 269 18.29 -1.34 17.31
C ALA A 269 16.97 -0.60 16.98
N THR A 270 16.97 0.14 15.90
CA THR A 270 15.75 0.79 15.45
C THR A 270 14.70 -0.19 14.93
N MET A 271 15.12 -1.25 14.24
CA MET A 271 14.15 -2.28 13.81
C MET A 271 13.46 -2.95 15.00
N GLU A 272 14.23 -3.27 16.05
CA GLU A 272 13.68 -3.90 17.24
C GLU A 272 12.69 -2.94 17.95
N LYS A 273 13.09 -1.69 18.17
CA LYS A 273 12.19 -0.68 18.77
C LYS A 273 10.87 -0.57 18.04
N HIS A 274 10.85 -0.72 16.71
CA HIS A 274 9.59 -0.47 15.96
C HIS A 274 9.04 -1.69 15.24
N LYS A 275 9.47 -2.87 15.62
CA LYS A 275 9.21 -4.02 14.79
C LYS A 275 7.70 -4.26 14.54
N GLU A 276 6.86 -3.91 15.54
CA GLU A 276 5.44 -4.17 15.54
C GLU A 276 4.71 -3.41 14.43
N VAL A 277 5.29 -2.33 13.87
CA VAL A 277 4.55 -1.59 12.85
C VAL A 277 4.91 -1.92 11.42
N PHE A 278 5.93 -2.76 11.21
CA PHE A 278 6.40 -3.11 9.86
C PHE A 278 6.26 -4.61 9.58
N PHE A 279 5.37 -4.94 8.63
CA PHE A 279 4.99 -6.31 8.26
C PHE A 279 5.70 -6.66 6.95
N VAL A 280 6.38 -7.82 6.95
CA VAL A 280 6.98 -8.42 5.76
C VAL A 280 6.26 -9.74 5.46
N ILE A 281 5.61 -9.79 4.31
CA ILE A 281 4.60 -10.74 4.00
C ILE A 281 5.15 -11.59 2.88
N ARG A 282 5.46 -12.85 3.18
CA ARG A 282 5.97 -13.74 2.15
C ARG A 282 4.85 -14.42 1.35
N LEU A 283 4.77 -14.09 0.06
CA LEU A 283 3.76 -14.61 -0.83
C LEU A 283 4.19 -15.90 -1.52
N ILE A 284 5.50 -16.04 -1.82
CA ILE A 284 6.06 -17.19 -2.50
C ILE A 284 7.34 -17.55 -1.76
N ALA A 285 7.38 -18.79 -1.24
CA ALA A 285 8.45 -19.31 -0.38
C ALA A 285 9.19 -20.43 -1.11
N GLY A 286 10.28 -20.90 -0.51
CA GLY A 286 11.02 -22.08 -0.93
C GLY A 286 11.70 -21.94 -2.29
N PRO A 287 11.92 -23.08 -2.99
CA PRO A 287 12.57 -23.07 -4.30
C PRO A 287 11.66 -22.52 -5.42
N ALA A 288 10.33 -22.63 -5.27
CA ALA A 288 9.37 -21.92 -6.15
C ALA A 288 9.70 -20.43 -6.36
N ALA A 289 10.23 -19.76 -5.34
CA ALA A 289 10.59 -18.35 -5.45
C ALA A 289 11.81 -18.03 -6.36
N ASN A 290 12.66 -19.01 -6.59
CA ASN A 290 13.93 -18.83 -7.34
C ASN A 290 13.95 -19.25 -8.82
N SER A 291 12.87 -19.81 -9.33
CA SER A 291 12.81 -20.27 -10.72
C SER A 291 11.74 -19.52 -11.50
N LEU A 292 11.32 -18.36 -10.98
CA LEU A 292 10.15 -17.69 -11.51
C LEU A 292 10.42 -17.06 -12.86
N PRO A 293 9.43 -17.07 -13.75
CA PRO A 293 9.57 -16.33 -15.02
C PRO A 293 9.54 -14.81 -14.77
N PRO A 294 9.90 -13.99 -15.77
CA PRO A 294 9.78 -12.52 -15.59
C PRO A 294 8.34 -12.07 -15.23
N ILE A 295 8.22 -11.00 -14.43
CA ILE A 295 6.91 -10.47 -14.08
C ILE A 295 6.44 -9.71 -15.31
N VAL A 296 5.25 -10.04 -15.82
CA VAL A 296 4.60 -9.30 -16.89
C VAL A 296 3.23 -8.84 -16.39
N ASP A 297 3.06 -7.53 -16.22
CA ASP A 297 1.80 -6.91 -15.83
C ASP A 297 0.96 -6.81 -17.09
N PRO A 298 -0.20 -7.48 -17.16
CA PRO A 298 -0.99 -7.37 -18.38
C PRO A 298 -1.72 -6.05 -18.56
N ASP A 299 -1.82 -5.23 -17.51
CA ASP A 299 -2.57 -3.97 -17.56
C ASP A 299 -1.72 -2.84 -18.12
N PRO A 300 -2.31 -1.94 -18.93
CA PRO A 300 -1.58 -0.78 -19.49
C PRO A 300 -1.35 0.31 -18.44
N LEU A 301 -0.45 1.25 -18.79
CA LEU A 301 -0.29 2.51 -18.05
C LEU A 301 -1.58 3.28 -18.11
N ILE A 302 -1.87 4.01 -17.03
CA ILE A 302 -3.05 4.85 -16.95
C ILE A 302 -2.55 6.22 -16.44
N PRO A 303 -2.23 7.17 -17.36
CA PRO A 303 -1.86 8.50 -16.89
C PRO A 303 -3.11 9.22 -16.38
N CYS A 304 -3.00 9.92 -15.26
CA CYS A 304 -4.15 10.62 -14.66
C CYS A 304 -3.60 11.49 -13.54
N ASP A 305 -3.24 12.71 -13.88
CA ASP A 305 -2.70 13.68 -12.93
C ASP A 305 -3.52 13.77 -11.63
N LEU A 306 -4.85 13.68 -11.70
CA LEU A 306 -5.65 13.76 -10.47
C LEU A 306 -5.27 12.71 -9.39
N MET A 307 -4.77 11.55 -9.81
CA MET A 307 -4.56 10.44 -8.91
C MET A 307 -3.13 9.99 -8.91
N ASP A 308 -2.23 10.90 -9.32
CA ASP A 308 -0.78 10.65 -9.26
C ASP A 308 -0.29 11.09 -7.89
N GLY A 309 -0.20 10.11 -6.98
CA GLY A 309 0.00 10.44 -5.58
C GLY A 309 -1.28 10.96 -4.97
N ARG A 310 -1.24 11.11 -3.66
CA ARG A 310 -2.42 11.43 -2.83
C ARG A 310 -2.86 12.92 -2.85
N ASP A 311 -1.90 13.82 -3.08
CA ASP A 311 -2.11 15.28 -2.91
C ASP A 311 -3.12 15.91 -3.86
N ALA A 312 -3.01 15.59 -5.15
CA ALA A 312 -3.89 16.24 -6.14
C ALA A 312 -5.38 15.96 -5.87
N PHE A 313 -5.73 14.76 -5.46
CA PHE A 313 -7.12 14.56 -5.13
C PHE A 313 -7.51 15.29 -3.80
N LEU A 314 -6.56 15.48 -2.88
CA LEU A 314 -6.88 16.19 -1.61
C LEU A 314 -7.12 17.68 -1.89
N THR A 315 -6.31 18.24 -2.78
CA THR A 315 -6.45 19.62 -3.24
C THR A 315 -7.78 19.92 -3.93
N LEU A 316 -8.14 19.08 -4.89
CA LEU A 316 -9.35 19.29 -5.65
C LEU A 316 -10.59 19.20 -4.76
N ALA A 317 -10.56 18.29 -3.82
CA ALA A 317 -11.66 18.22 -2.86
C ALA A 317 -11.79 19.54 -2.07
N ARG A 318 -10.67 20.12 -1.64
CA ARG A 318 -10.65 21.41 -0.87
C ARG A 318 -11.20 22.55 -1.75
N ASP A 319 -10.62 22.72 -2.94
CA ASP A 319 -11.10 23.71 -3.92
C ASP A 319 -12.60 23.66 -4.20
N LYS A 320 -13.15 22.46 -4.39
CA LYS A 320 -14.58 22.32 -4.71
C LYS A 320 -15.45 21.99 -3.49
N HIS A 321 -14.91 22.17 -2.29
CA HIS A 321 -15.62 21.87 -1.03
C HIS A 321 -16.26 20.45 -0.99
N LEU A 322 -15.56 19.50 -1.60
CA LEU A 322 -15.92 18.08 -1.53
C LEU A 322 -15.50 17.61 -0.15
N GLU A 323 -16.35 16.79 0.42
CA GLU A 323 -16.19 16.32 1.76
C GLU A 323 -16.77 14.92 1.84
N PHE A 324 -16.15 14.09 2.69
CA PHE A 324 -16.58 12.72 2.88
C PHE A 324 -17.06 12.58 4.31
N SER A 325 -17.75 13.59 4.83
CA SER A 325 -18.07 13.71 6.26
C SER A 325 -19.46 13.24 6.61
N SER A 326 -20.29 12.95 5.62
CA SER A 326 -21.55 12.25 5.84
C SER A 326 -21.87 11.43 4.59
N LEU A 327 -22.87 10.56 4.71
CA LEU A 327 -23.27 9.70 3.63
C LEU A 327 -23.61 10.52 2.39
N ARG A 328 -24.48 11.50 2.58
CA ARG A 328 -24.91 12.43 1.55
C ARG A 328 -23.74 13.21 0.91
N ARG A 329 -22.84 13.75 1.72
CA ARG A 329 -21.71 14.53 1.16
C ARG A 329 -20.71 13.64 0.44
N ALA A 330 -20.47 12.46 1.01
CA ALA A 330 -19.58 11.45 0.37
C ALA A 330 -20.17 10.92 -0.93
N GLN A 331 -21.47 10.62 -0.94
CA GLN A 331 -22.20 10.33 -2.20
C GLN A 331 -22.09 11.48 -3.20
N TRP A 332 -22.24 12.71 -2.70
CA TRP A 332 -22.01 13.91 -3.51
C TRP A 332 -20.60 13.97 -4.06
N SER A 333 -19.60 13.84 -3.18
CA SER A 333 -18.16 13.94 -3.61
C SER A 333 -17.71 12.76 -4.49
N THR A 334 -18.33 11.60 -4.33
CA THR A 334 -18.05 10.48 -5.24
C THR A 334 -18.45 10.85 -6.66
N GLY A 335 -19.70 11.31 -6.82
CA GLY A 335 -20.20 11.77 -8.14
C GLY A 335 -19.30 12.81 -8.81
N CYS A 336 -18.88 13.83 -8.06
CA CYS A 336 -17.97 14.85 -8.62
C CYS A 336 -16.59 14.27 -8.93
N MET A 337 -16.12 13.32 -8.10
CA MET A 337 -14.82 12.64 -8.31
C MET A 337 -14.83 11.92 -9.64
N LEU A 338 -15.96 11.26 -9.92
CA LEU A 338 -16.12 10.44 -11.13
C LEU A 338 -16.20 11.33 -12.36
N VAL A 339 -17.02 12.37 -12.29
CA VAL A 339 -17.13 13.41 -13.34
C VAL A 339 -15.73 13.81 -13.76
N GLU A 340 -14.94 14.23 -12.79
CA GLU A 340 -13.57 14.66 -12.99
C GLU A 340 -12.61 13.64 -13.63
N LEU A 341 -12.79 12.33 -13.37
CA LEU A 341 -11.89 11.29 -13.91
C LEU A 341 -12.20 10.93 -15.39
N HIS A 342 -13.48 10.85 -15.77
CA HIS A 342 -13.89 10.79 -17.21
C HIS A 342 -13.45 12.10 -17.92
N THR A 343 -13.76 13.26 -17.30
CA THR A 343 -13.41 14.60 -17.81
C THR A 343 -11.90 14.77 -18.14
N GLN A 344 -11.02 14.51 -17.18
CA GLN A 344 -9.55 14.56 -17.40
C GLN A 344 -9.04 13.38 -18.24
#